data_1PEN
# 
_entry.id   1PEN 
# 
_audit_conform.dict_name       mmcif_pdbx.dic 
_audit_conform.dict_version    5.397 
_audit_conform.dict_location   http://mmcif.pdb.org/dictionaries/ascii/mmcif_pdbx.dic 
# 
loop_
_database_2.database_id 
_database_2.database_code 
_database_2.pdbx_database_accession 
_database_2.pdbx_DOI 
PDB   1PEN         pdb_00001pen 10.2210/pdb1pen/pdb 
WWPDB D_1000175631 ?            ?                   
# 
loop_
_pdbx_audit_revision_history.ordinal 
_pdbx_audit_revision_history.data_content_type 
_pdbx_audit_revision_history.major_revision 
_pdbx_audit_revision_history.minor_revision 
_pdbx_audit_revision_history.revision_date 
1 'Structure model' 1 0 1997-04-21 
2 'Structure model' 1 1 2008-03-24 
3 'Structure model' 1 2 2011-07-13 
4 'Structure model' 1 3 2024-10-16 
# 
_pdbx_audit_revision_details.ordinal             1 
_pdbx_audit_revision_details.revision_ordinal    1 
_pdbx_audit_revision_details.data_content_type   'Structure model' 
_pdbx_audit_revision_details.provider            repository 
_pdbx_audit_revision_details.type                'Initial release' 
_pdbx_audit_revision_details.description         ? 
_pdbx_audit_revision_details.details             ? 
# 
loop_
_pdbx_audit_revision_group.ordinal 
_pdbx_audit_revision_group.revision_ordinal 
_pdbx_audit_revision_group.data_content_type 
_pdbx_audit_revision_group.group 
1 2 'Structure model' 'Version format compliance' 
2 3 'Structure model' 'Version format compliance' 
3 4 'Structure model' 'Data collection'           
4 4 'Structure model' 'Database references'       
5 4 'Structure model' 'Derived calculations'      
6 4 'Structure model' 'Structure summary'         
# 
loop_
_pdbx_audit_revision_category.ordinal 
_pdbx_audit_revision_category.revision_ordinal 
_pdbx_audit_revision_category.data_content_type 
_pdbx_audit_revision_category.category 
1 4 'Structure model' chem_comp_atom            
2 4 'Structure model' chem_comp_bond            
3 4 'Structure model' database_2                
4 4 'Structure model' pdbx_entry_details        
5 4 'Structure model' pdbx_modification_feature 
6 4 'Structure model' struct_conn               
7 4 'Structure model' struct_site               
# 
loop_
_pdbx_audit_revision_item.ordinal 
_pdbx_audit_revision_item.revision_ordinal 
_pdbx_audit_revision_item.data_content_type 
_pdbx_audit_revision_item.item 
1  4 'Structure model' '_database_2.pdbx_DOI'                
2  4 'Structure model' '_database_2.pdbx_database_accession' 
3  4 'Structure model' '_struct_conn.pdbx_leaving_atom_flag' 
4  4 'Structure model' '_struct_conn.ptnr1_auth_comp_id'     
5  4 'Structure model' '_struct_conn.ptnr1_auth_seq_id'      
6  4 'Structure model' '_struct_conn.ptnr1_label_atom_id'    
7  4 'Structure model' '_struct_conn.ptnr1_label_comp_id'    
8  4 'Structure model' '_struct_conn.ptnr1_label_seq_id'     
9  4 'Structure model' '_struct_conn.ptnr2_auth_comp_id'     
10 4 'Structure model' '_struct_conn.ptnr2_auth_seq_id'      
11 4 'Structure model' '_struct_conn.ptnr2_label_atom_id'    
12 4 'Structure model' '_struct_conn.ptnr2_label_comp_id'    
13 4 'Structure model' '_struct_conn.ptnr2_label_seq_id'     
14 4 'Structure model' '_struct_site.pdbx_auth_asym_id'      
15 4 'Structure model' '_struct_site.pdbx_auth_comp_id'      
16 4 'Structure model' '_struct_site.pdbx_auth_seq_id'       
# 
_pdbx_database_status.status_code                     REL 
_pdbx_database_status.entry_id                        1PEN 
_pdbx_database_status.recvd_initial_deposition_date   1996-01-29 
_pdbx_database_status.deposit_site                    ? 
_pdbx_database_status.process_site                    BNL 
_pdbx_database_status.SG_entry                        . 
_pdbx_database_status.pdb_format_compatible           Y 
_pdbx_database_status.status_code_mr                  ? 
_pdbx_database_status.status_code_sf                  ? 
_pdbx_database_status.status_code_cs                  ? 
_pdbx_database_status.status_code_nmr_data            ? 
_pdbx_database_status.methods_development_category    ? 
# 
loop_
_audit_author.name 
_audit_author.pdbx_ordinal 
'Hu, S.-H.'     1 
'Gehrmann, J.'  2 
'Guddat, L.W.'  3 
'Alewood, P.F.' 4 
'Craik, D.J.'   5 
'Martin, J.L.'  6 
# 
loop_
_citation.id 
_citation.title 
_citation.journal_abbrev 
_citation.journal_volume 
_citation.page_first 
_citation.page_last 
_citation.year 
_citation.journal_id_ASTM 
_citation.country 
_citation.journal_id_ISSN 
_citation.journal_id_CSD 
_citation.book_publisher 
_citation.pdbx_database_id_PubMed 
_citation.pdbx_database_id_DOI 
primary 
'The 1.1 A crystal structure of the neuronal acetylcholine receptor antagonist, alpha-conotoxin PnIA from Conus pennaceus.' 
Structure           4  417  423 1996 STRUE6 UK 0969-2126 2005 ? 8740364 '10.1016/S0969-2126(96)00047-0' 
1       'Snb: Crystal Structure Determination Via Shake-and-Bake' J.Appl.Crystallogr. 27 613  ?   1994 JACGAR DK 0021-8898 0228 ? 
?       ?                               
2       'New Mollusc-Specific Alpha-Conotoxins Block Aplysia Neuronal Acetylcholine Receptors' Biochemistry        33 9523 ?   
1994 BICHAW US 0006-2960 0033 ? ?       ?                               
# 
loop_
_citation_author.citation_id 
_citation_author.name 
_citation_author.ordinal 
_citation_author.identifier_ORCID 
primary 'Hu, S.H.'         1  ? 
primary 'Gehrmann, J.'     2  ? 
primary 'Guddat, L.W.'     3  ? 
primary 'Alewood, P.F.'    4  ? 
primary 'Craik, D.J.'      5  ? 
primary 'Martin, J.L.'     6  ? 
1       'Miller, R.'       7  ? 
1       'Gallo, S.M.'      8  ? 
1       'Khalak, H.G.'     9  ? 
1       'Weeks, C.M.'      10 ? 
2       'Fainzilber, M.'   11 ? 
2       'Hasson, A.'       12 ? 
2       'Oren, R.'         13 ? 
2       'Burlingame, A.L.' 14 ? 
2       'Gordon, D.'       15 ? 
2       'Spira, M.E.'      16 ? 
2       'Zlotkin, E.'      17 ? 
# 
loop_
_entity.id 
_entity.type 
_entity.src_method 
_entity.pdbx_description 
_entity.formula_weight 
_entity.pdbx_number_of_molecules 
_entity.pdbx_ec 
_entity.pdbx_mutation 
_entity.pdbx_fragment 
_entity.details 
1 polymer man 'ALPHA-CONOTOXIN PNIA' 1625.849 1  ? ? ? ? 
2 water   nat water                  18.015   12 ? ? ? ? 
# 
_entity_poly.entity_id                      1 
_entity_poly.type                           'polypeptide(L)' 
_entity_poly.nstd_linkage                   no 
_entity_poly.nstd_monomer                   yes 
_entity_poly.pdbx_seq_one_letter_code       'GCCSLPPCAANNPDYC(NH2)' 
_entity_poly.pdbx_seq_one_letter_code_can   GCCSLPPCAANNPDYCX 
_entity_poly.pdbx_strand_id                 A 
_entity_poly.pdbx_target_identifier         ? 
# 
_pdbx_entity_nonpoly.entity_id   2 
_pdbx_entity_nonpoly.name        water 
_pdbx_entity_nonpoly.comp_id     HOH 
# 
loop_
_entity_poly_seq.entity_id 
_entity_poly_seq.num 
_entity_poly_seq.mon_id 
_entity_poly_seq.hetero 
1 1  GLY n 
1 2  CYS n 
1 3  CYS n 
1 4  SER n 
1 5  LEU n 
1 6  PRO n 
1 7  PRO n 
1 8  CYS n 
1 9  ALA n 
1 10 ALA n 
1 11 ASN n 
1 12 ASN n 
1 13 PRO n 
1 14 ASP n 
1 15 TYR n 
1 16 CYS n 
1 17 NH2 n 
# 
_entity_src_gen.entity_id                          1 
_entity_src_gen.pdbx_src_id                        1 
_entity_src_gen.pdbx_alt_source_flag               sample 
_entity_src_gen.pdbx_seq_type                      ? 
_entity_src_gen.pdbx_beg_seq_num                   ? 
_entity_src_gen.pdbx_end_seq_num                   ? 
_entity_src_gen.gene_src_common_name               ? 
_entity_src_gen.gene_src_genus                     Conus 
_entity_src_gen.pdbx_gene_src_gene                 ? 
_entity_src_gen.gene_src_species                   ? 
_entity_src_gen.gene_src_strain                    ? 
_entity_src_gen.gene_src_tissue                    ? 
_entity_src_gen.gene_src_tissue_fraction           ? 
_entity_src_gen.gene_src_details                   ? 
_entity_src_gen.pdbx_gene_src_fragment             ? 
_entity_src_gen.pdbx_gene_src_scientific_name      'Conus pennaceus' 
_entity_src_gen.pdbx_gene_src_ncbi_taxonomy_id     37335 
_entity_src_gen.pdbx_gene_src_variant              ? 
_entity_src_gen.pdbx_gene_src_cell_line            ? 
_entity_src_gen.pdbx_gene_src_atcc                 ? 
_entity_src_gen.pdbx_gene_src_organ                ? 
_entity_src_gen.pdbx_gene_src_organelle            ? 
_entity_src_gen.pdbx_gene_src_cell                 ? 
_entity_src_gen.pdbx_gene_src_cellular_location    ? 
_entity_src_gen.host_org_common_name               ? 
_entity_src_gen.pdbx_host_org_scientific_name      ? 
_entity_src_gen.pdbx_host_org_ncbi_taxonomy_id     ? 
_entity_src_gen.host_org_genus                     ? 
_entity_src_gen.pdbx_host_org_gene                 ? 
_entity_src_gen.pdbx_host_org_organ                ? 
_entity_src_gen.host_org_species                   ? 
_entity_src_gen.pdbx_host_org_tissue               ? 
_entity_src_gen.pdbx_host_org_tissue_fraction      ? 
_entity_src_gen.pdbx_host_org_strain               ? 
_entity_src_gen.pdbx_host_org_variant              ? 
_entity_src_gen.pdbx_host_org_cell_line            ? 
_entity_src_gen.pdbx_host_org_atcc                 ? 
_entity_src_gen.pdbx_host_org_culture_collection   ? 
_entity_src_gen.pdbx_host_org_cell                 ? 
_entity_src_gen.pdbx_host_org_organelle            ? 
_entity_src_gen.pdbx_host_org_cellular_location    ? 
_entity_src_gen.pdbx_host_org_vector_type          ? 
_entity_src_gen.pdbx_host_org_vector               ? 
_entity_src_gen.host_org_details                   ? 
_entity_src_gen.expression_system_id               ? 
_entity_src_gen.plasmid_name                       ? 
_entity_src_gen.plasmid_details                    ? 
_entity_src_gen.pdbx_description                   ? 
# 
loop_
_chem_comp.id 
_chem_comp.type 
_chem_comp.mon_nstd_flag 
_chem_comp.name 
_chem_comp.pdbx_synonyms 
_chem_comp.formula 
_chem_comp.formula_weight 
ALA 'L-peptide linking' y ALANINE         ? 'C3 H7 N O2'   89.093  
ASN 'L-peptide linking' y ASPARAGINE      ? 'C4 H8 N2 O3'  132.118 
ASP 'L-peptide linking' y 'ASPARTIC ACID' ? 'C4 H7 N O4'   133.103 
CYS 'L-peptide linking' y CYSTEINE        ? 'C3 H7 N O2 S' 121.158 
GLY 'peptide linking'   y GLYCINE         ? 'C2 H5 N O2'   75.067  
HOH non-polymer         . WATER           ? 'H2 O'         18.015  
LEU 'L-peptide linking' y LEUCINE         ? 'C6 H13 N O2'  131.173 
NH2 non-polymer         . 'AMINO GROUP'   ? 'H2 N'         16.023  
PRO 'L-peptide linking' y PROLINE         ? 'C5 H9 N O2'   115.130 
SER 'L-peptide linking' y SERINE          ? 'C3 H7 N O3'   105.093 
TYR 'L-peptide linking' y TYROSINE        ? 'C9 H11 N O3'  181.189 
# 
loop_
_pdbx_poly_seq_scheme.asym_id 
_pdbx_poly_seq_scheme.entity_id 
_pdbx_poly_seq_scheme.seq_id 
_pdbx_poly_seq_scheme.mon_id 
_pdbx_poly_seq_scheme.ndb_seq_num 
_pdbx_poly_seq_scheme.pdb_seq_num 
_pdbx_poly_seq_scheme.auth_seq_num 
_pdbx_poly_seq_scheme.pdb_mon_id 
_pdbx_poly_seq_scheme.auth_mon_id 
_pdbx_poly_seq_scheme.pdb_strand_id 
_pdbx_poly_seq_scheme.pdb_ins_code 
_pdbx_poly_seq_scheme.hetero 
A 1 1  GLY 1  1  1  GLY GLY A . n 
A 1 2  CYS 2  2  2  CYS CYS A . n 
A 1 3  CYS 3  3  3  CYS CYS A . n 
A 1 4  SER 4  4  4  SER SER A . n 
A 1 5  LEU 5  5  5  LEU LEU A . n 
A 1 6  PRO 6  6  6  PRO PRO A . n 
A 1 7  PRO 7  7  7  PRO PRO A . n 
A 1 8  CYS 8  8  8  CYS CYS A . n 
A 1 9  ALA 9  9  9  ALA ALA A . n 
A 1 10 ALA 10 10 10 ALA ALA A . n 
A 1 11 ASN 11 11 11 ASN ASN A . n 
A 1 12 ASN 12 12 12 ASN ASN A . n 
A 1 13 PRO 13 13 13 PRO PRO A . n 
A 1 14 ASP 14 14 14 ASP ASP A . n 
A 1 15 TYR 15 15 15 TYR TYR A . n 
A 1 16 CYS 16 16 16 CYS CYS A . n 
A 1 17 NH2 17 17 17 NH2 NH2 A . n 
# 
loop_
_pdbx_nonpoly_scheme.asym_id 
_pdbx_nonpoly_scheme.entity_id 
_pdbx_nonpoly_scheme.mon_id 
_pdbx_nonpoly_scheme.ndb_seq_num 
_pdbx_nonpoly_scheme.pdb_seq_num 
_pdbx_nonpoly_scheme.auth_seq_num 
_pdbx_nonpoly_scheme.pdb_mon_id 
_pdbx_nonpoly_scheme.auth_mon_id 
_pdbx_nonpoly_scheme.pdb_strand_id 
_pdbx_nonpoly_scheme.pdb_ins_code 
B 2 HOH 1  18 17 HOH HOH A . 
B 2 HOH 2  19 18 HOH HOH A . 
B 2 HOH 3  20 19 HOH HOH A . 
B 2 HOH 4  21 20 HOH HOH A . 
B 2 HOH 5  22 21 HOH HOH A . 
B 2 HOH 6  23 22 HOH HOH A . 
B 2 HOH 7  24 23 HOH HOH A . 
B 2 HOH 8  25 24 HOH HOH A . 
B 2 HOH 9  26 25 HOH HOH A . 
B 2 HOH 10 27 26 HOH HOH A . 
B 2 HOH 11 28 27 HOH HOH A . 
B 2 HOH 12 29 28 HOH HOH A . 
# 
loop_
_software.name 
_software.classification 
_software.version 
_software.citation_id 
_software.pdbx_ordinal 
DENZO  'data reduction' .   ? 1 
X-PLOR 'model building' 3.1 ? 2 
X-PLOR refinement       3.1 ? 3 
X-PLOR phasing          3.1 ? 4 
# 
_cell.entry_id           1PEN 
_cell.length_a           15.000 
_cell.length_b           19.800 
_cell.length_c           16.500 
_cell.angle_alpha        90.00 
_cell.angle_beta         113.40 
_cell.angle_gamma        90.00 
_cell.Z_PDB              2 
_cell.pdbx_unique_axis   ? 
# 
_symmetry.entry_id                         1PEN 
_symmetry.space_group_name_H-M             'P 1 21 1' 
_symmetry.pdbx_full_space_group_name_H-M   ? 
_symmetry.cell_setting                     ? 
_symmetry.Int_Tables_number                4 
# 
_exptl.entry_id          1PEN 
_exptl.method            'X-RAY DIFFRACTION' 
_exptl.crystals_number   2 
# 
_exptl_crystal.id                    1 
_exptl_crystal.density_meas          ? 
_exptl_crystal.density_Matthews      ? 
_exptl_crystal.density_percent_sol   12. 
_exptl_crystal.description           ? 
# 
_exptl_crystal_grow.crystal_id      1 
_exptl_crystal_grow.method          ? 
_exptl_crystal_grow.temp            ? 
_exptl_crystal_grow.temp_details    ? 
_exptl_crystal_grow.pH              8.0 
_exptl_crystal_grow.pdbx_pH_range   ? 
_exptl_crystal_grow.pdbx_details    'pH 8.0' 
# 
_diffrn.id                     1 
_diffrn.ambient_temp           289 
_diffrn.ambient_temp_details   ? 
_diffrn.crystal_id             1 
# 
_diffrn_detector.diffrn_id              1 
_diffrn_detector.detector               'IMAGE PLATE' 
_diffrn_detector.type                   'RIGAKU RAXIS IIC' 
_diffrn_detector.pdbx_collection_date   1995-09-28 
_diffrn_detector.details                ? 
# 
_diffrn_radiation.diffrn_id                        1 
_diffrn_radiation.wavelength_id                    1 
_diffrn_radiation.pdbx_monochromatic_or_laue_m_l   M 
_diffrn_radiation.monochromator                    'YALE MIRRORS' 
_diffrn_radiation.pdbx_diffrn_protocol             ? 
_diffrn_radiation.pdbx_scattering_type             x-ray 
# 
_diffrn_radiation_wavelength.id           1 
_diffrn_radiation_wavelength.wavelength   1.5418 
_diffrn_radiation_wavelength.wt           1.0 
# 
_diffrn_source.diffrn_id                   1 
_diffrn_source.source                      ? 
_diffrn_source.type                        ? 
_diffrn_source.pdbx_synchrotron_site       ? 
_diffrn_source.pdbx_synchrotron_beamline   ? 
_diffrn_source.pdbx_wavelength             1.5418 
_diffrn_source.pdbx_wavelength_list        ? 
# 
_reflns.entry_id                     1PEN 
_reflns.observed_criterion_sigma_I   1. 
_reflns.observed_criterion_sigma_F   ? 
_reflns.d_resolution_low             50. 
_reflns.d_resolution_high            1.1 
_reflns.number_obs                   3459 
_reflns.number_all                   ? 
_reflns.percent_possible_obs         94. 
_reflns.pdbx_Rmerge_I_obs            0.08 
_reflns.pdbx_Rsym_value              ? 
_reflns.pdbx_netI_over_sigmaI        ? 
_reflns.B_iso_Wilson_estimate        ? 
_reflns.pdbx_redundancy              4.7 
_reflns.pdbx_diffrn_id               1 
_reflns.pdbx_ordinal                 1 
# 
_refine.entry_id                                 1PEN 
_refine.ls_number_reflns_obs                     2536 
_refine.ls_number_reflns_all                     ? 
_refine.pdbx_ls_sigma_I                          ? 
_refine.pdbx_ls_sigma_F                          2. 
_refine.pdbx_data_cutoff_high_absF               ? 
_refine.pdbx_data_cutoff_low_absF                ? 
_refine.pdbx_data_cutoff_high_rms_absF           ? 
_refine.ls_d_res_low                             6.1 
_refine.ls_d_res_high                            1.1 
_refine.ls_percent_reflns_obs                    70. 
_refine.ls_R_factor_obs                          0.127 
_refine.ls_R_factor_all                          ? 
_refine.ls_R_factor_R_work                       0.127 
_refine.ls_R_factor_R_free                       0.152 
_refine.ls_R_factor_R_free_error                 ? 
_refine.ls_R_factor_R_free_error_details         ? 
_refine.ls_percent_reflns_R_free                 10. 
_refine.ls_number_reflns_R_free                  245 
_refine.ls_number_parameters                     ? 
_refine.ls_number_restraints                     ? 
_refine.occupancy_min                            ? 
_refine.occupancy_max                            ? 
_refine.B_iso_mean                               7.6 
_refine.aniso_B[1][1]                            ? 
_refine.aniso_B[2][2]                            ? 
_refine.aniso_B[3][3]                            ? 
_refine.aniso_B[1][2]                            ? 
_refine.aniso_B[1][3]                            ? 
_refine.aniso_B[2][3]                            ? 
_refine.solvent_model_details                    ? 
_refine.solvent_model_param_ksol                 ? 
_refine.solvent_model_param_bsol                 ? 
_refine.pdbx_ls_cross_valid_method               ? 
_refine.details                                  ? 
_refine.pdbx_starting_model                      ? 
_refine.pdbx_method_to_determine_struct          ? 
_refine.pdbx_isotropic_thermal_model             ? 
_refine.pdbx_stereochemistry_target_values       ? 
_refine.pdbx_stereochem_target_val_spec_case     ? 
_refine.pdbx_R_Free_selection_details            ? 
_refine.pdbx_overall_ESU_R                       ? 
_refine.pdbx_overall_ESU_R_Free                  ? 
_refine.overall_SU_ML                            ? 
_refine.overall_SU_B                             ? 
_refine.pdbx_refine_id                           'X-RAY DIFFRACTION' 
_refine.pdbx_diffrn_id                           1 
_refine.pdbx_TLS_residual_ADP_flag               ? 
_refine.correlation_coeff_Fo_to_Fc               ? 
_refine.correlation_coeff_Fo_to_Fc_free          ? 
_refine.pdbx_solvent_vdw_probe_radii             ? 
_refine.pdbx_solvent_ion_probe_radii             ? 
_refine.pdbx_solvent_shrinkage_radii             ? 
_refine.pdbx_overall_phase_error                 ? 
_refine.overall_SU_R_Cruickshank_DPI             ? 
_refine.pdbx_overall_SU_R_free_Cruickshank_DPI   ? 
_refine.pdbx_overall_SU_R_Blow_DPI               ? 
_refine.pdbx_overall_SU_R_free_Blow_DPI          ? 
# 
_refine_analyze.entry_id                        1PEN 
_refine_analyze.Luzzati_coordinate_error_obs    0.1 
_refine_analyze.Luzzati_sigma_a_obs             ? 
_refine_analyze.Luzzati_d_res_low_obs           ? 
_refine_analyze.Luzzati_coordinate_error_free   ? 
_refine_analyze.Luzzati_sigma_a_free            ? 
_refine_analyze.Luzzati_d_res_low_free          ? 
_refine_analyze.number_disordered_residues      ? 
_refine_analyze.occupancy_sum_hydrogen          ? 
_refine_analyze.occupancy_sum_non_hydrogen      ? 
_refine_analyze.pdbx_refine_id                  'X-RAY DIFFRACTION' 
# 
_refine_hist.pdbx_refine_id                   'X-RAY DIFFRACTION' 
_refine_hist.cycle_id                         LAST 
_refine_hist.pdbx_number_atoms_protein        110 
_refine_hist.pdbx_number_atoms_nucleic_acid   0 
_refine_hist.pdbx_number_atoms_ligand         0 
_refine_hist.number_atoms_solvent             12 
_refine_hist.number_atoms_total               122 
_refine_hist.d_res_high                       1.1 
_refine_hist.d_res_low                        6.1 
# 
loop_
_refine_ls_restr.type 
_refine_ls_restr.dev_ideal 
_refine_ls_restr.dev_ideal_target 
_refine_ls_restr.weight 
_refine_ls_restr.number 
_refine_ls_restr.pdbx_refine_id 
_refine_ls_restr.pdbx_restraint_function 
x_bond_d                0.005 ?   ? ? 'X-RAY DIFFRACTION' ? 
x_bond_d_na             ?     ?   ? ? 'X-RAY DIFFRACTION' ? 
x_bond_d_prot           ?     ?   ? ? 'X-RAY DIFFRACTION' ? 
x_angle_d               ?     ?   ? ? 'X-RAY DIFFRACTION' ? 
x_angle_d_na            ?     ?   ? ? 'X-RAY DIFFRACTION' ? 
x_angle_d_prot          ?     ?   ? ? 'X-RAY DIFFRACTION' ? 
x_angle_deg             1.6   ?   ? ? 'X-RAY DIFFRACTION' ? 
x_angle_deg_na          ?     ?   ? ? 'X-RAY DIFFRACTION' ? 
x_angle_deg_prot        ?     ?   ? ? 'X-RAY DIFFRACTION' ? 
x_dihedral_angle_d      22.7  ?   ? ? 'X-RAY DIFFRACTION' ? 
x_dihedral_angle_d_na   ?     ?   ? ? 'X-RAY DIFFRACTION' ? 
x_dihedral_angle_d_prot ?     ?   ? ? 'X-RAY DIFFRACTION' ? 
x_improper_angle_d      1.5   ?   ? ? 'X-RAY DIFFRACTION' ? 
x_improper_angle_d_na   ?     ?   ? ? 'X-RAY DIFFRACTION' ? 
x_improper_angle_d_prot ?     ?   ? ? 'X-RAY DIFFRACTION' ? 
x_mcbond_it             ?     1.5 ? ? 'X-RAY DIFFRACTION' ? 
x_mcangle_it            ?     2.0 ? ? 'X-RAY DIFFRACTION' ? 
x_scbond_it             ?     2.0 ? ? 'X-RAY DIFFRACTION' ? 
x_scangle_it            ?     2.5 ? ? 'X-RAY DIFFRACTION' ? 
# 
_struct.entry_id                  1PEN 
_struct.title                     'ALPHA-CONOTOXIN PNI1' 
_struct.pdbx_model_details        ? 
_struct.pdbx_CASP_flag            ? 
_struct.pdbx_model_type_details   ? 
# 
_struct_keywords.entry_id        1PEN 
_struct_keywords.pdbx_keywords   NEUROTOXIN 
_struct_keywords.text            'NEUROTOXIN, ACETYLCHOLINE RECEPTOR, POSTSYNAPTIC, ANTAGONIST, ACETYLCHOLINE RECEPTOR INHIBITOR' 
# 
loop_
_struct_asym.id 
_struct_asym.pdbx_blank_PDB_chainid_flag 
_struct_asym.pdbx_modified 
_struct_asym.entity_id 
_struct_asym.details 
A N N 1 ? 
B N N 2 ? 
# 
_struct_ref.id                         1 
_struct_ref.db_name                    UNP 
_struct_ref.db_code                    CXAA_CONPE 
_struct_ref.entity_id                  1 
_struct_ref.pdbx_db_accession          P50984 
_struct_ref.pdbx_align_begin           1 
_struct_ref.pdbx_seq_one_letter_code   GCCSLPPCAANNPDYC 
_struct_ref.pdbx_db_isoform            ? 
# 
_struct_ref_seq.align_id                      1 
_struct_ref_seq.ref_id                        1 
_struct_ref_seq.pdbx_PDB_id_code              1PEN 
_struct_ref_seq.pdbx_strand_id                A 
_struct_ref_seq.seq_align_beg                 1 
_struct_ref_seq.pdbx_seq_align_beg_ins_code   ? 
_struct_ref_seq.seq_align_end                 16 
_struct_ref_seq.pdbx_seq_align_end_ins_code   ? 
_struct_ref_seq.pdbx_db_accession             P50984 
_struct_ref_seq.db_align_beg                  1 
_struct_ref_seq.pdbx_db_align_beg_ins_code    ? 
_struct_ref_seq.db_align_end                  16 
_struct_ref_seq.pdbx_db_align_end_ins_code    ? 
_struct_ref_seq.pdbx_auth_seq_align_beg       1 
_struct_ref_seq.pdbx_auth_seq_align_end       16 
# 
_pdbx_struct_assembly.id                   1 
_pdbx_struct_assembly.details              author_defined_assembly 
_pdbx_struct_assembly.method_details       ? 
_pdbx_struct_assembly.oligomeric_details   monomeric 
_pdbx_struct_assembly.oligomeric_count     1 
# 
_pdbx_struct_assembly_gen.assembly_id       1 
_pdbx_struct_assembly_gen.oper_expression   1 
_pdbx_struct_assembly_gen.asym_id_list      A,B 
# 
_pdbx_struct_oper_list.id                   1 
_pdbx_struct_oper_list.type                 'identity operation' 
_pdbx_struct_oper_list.name                 1_555 
_pdbx_struct_oper_list.symmetry_operation   x,y,z 
_pdbx_struct_oper_list.matrix[1][1]         1.0000000000 
_pdbx_struct_oper_list.matrix[1][2]         0.0000000000 
_pdbx_struct_oper_list.matrix[1][3]         0.0000000000 
_pdbx_struct_oper_list.vector[1]            0.0000000000 
_pdbx_struct_oper_list.matrix[2][1]         0.0000000000 
_pdbx_struct_oper_list.matrix[2][2]         1.0000000000 
_pdbx_struct_oper_list.matrix[2][3]         0.0000000000 
_pdbx_struct_oper_list.vector[2]            0.0000000000 
_pdbx_struct_oper_list.matrix[3][1]         0.0000000000 
_pdbx_struct_oper_list.matrix[3][2]         0.0000000000 
_pdbx_struct_oper_list.matrix[3][3]         1.0000000000 
_pdbx_struct_oper_list.vector[3]            0.0000000000 
# 
_struct_biol.id   1 
# 
_struct_conf.conf_type_id            HELX_P 
_struct_conf.id                      HELX_P1 
_struct_conf.pdbx_PDB_helix_id       1 
_struct_conf.beg_label_comp_id       LEU 
_struct_conf.beg_label_asym_id       A 
_struct_conf.beg_label_seq_id        5 
_struct_conf.pdbx_beg_PDB_ins_code   ? 
_struct_conf.end_label_comp_id       ASN 
_struct_conf.end_label_asym_id       A 
_struct_conf.end_label_seq_id        11 
_struct_conf.pdbx_end_PDB_ins_code   ? 
_struct_conf.beg_auth_comp_id        LEU 
_struct_conf.beg_auth_asym_id        A 
_struct_conf.beg_auth_seq_id         5 
_struct_conf.end_auth_comp_id        ASN 
_struct_conf.end_auth_asym_id        A 
_struct_conf.end_auth_seq_id         11 
_struct_conf.pdbx_PDB_helix_class    1 
_struct_conf.details                 ? 
_struct_conf.pdbx_PDB_helix_length   7 
# 
_struct_conf_type.id          HELX_P 
_struct_conf_type.criteria    ? 
_struct_conf_type.reference   ? 
# 
loop_
_struct_conn.id 
_struct_conn.conn_type_id 
_struct_conn.pdbx_leaving_atom_flag 
_struct_conn.pdbx_PDB_id 
_struct_conn.ptnr1_label_asym_id 
_struct_conn.ptnr1_label_comp_id 
_struct_conn.ptnr1_label_seq_id 
_struct_conn.ptnr1_label_atom_id 
_struct_conn.pdbx_ptnr1_label_alt_id 
_struct_conn.pdbx_ptnr1_PDB_ins_code 
_struct_conn.pdbx_ptnr1_standard_comp_id 
_struct_conn.ptnr1_symmetry 
_struct_conn.ptnr2_label_asym_id 
_struct_conn.ptnr2_label_comp_id 
_struct_conn.ptnr2_label_seq_id 
_struct_conn.ptnr2_label_atom_id 
_struct_conn.pdbx_ptnr2_label_alt_id 
_struct_conn.pdbx_ptnr2_PDB_ins_code 
_struct_conn.ptnr1_auth_asym_id 
_struct_conn.ptnr1_auth_comp_id 
_struct_conn.ptnr1_auth_seq_id 
_struct_conn.ptnr2_auth_asym_id 
_struct_conn.ptnr2_auth_comp_id 
_struct_conn.ptnr2_auth_seq_id 
_struct_conn.ptnr2_symmetry 
_struct_conn.pdbx_ptnr3_label_atom_id 
_struct_conn.pdbx_ptnr3_label_seq_id 
_struct_conn.pdbx_ptnr3_label_comp_id 
_struct_conn.pdbx_ptnr3_label_asym_id 
_struct_conn.pdbx_ptnr3_label_alt_id 
_struct_conn.pdbx_ptnr3_PDB_ins_code 
_struct_conn.details 
_struct_conn.pdbx_dist_value 
_struct_conn.pdbx_value_order 
_struct_conn.pdbx_role 
disulf1 disulf ?    ? A CYS 2  SG ? ? ? 1_555 A CYS 8  SG ? ? A CYS 2  A CYS 8  1_555 ? ? ? ? ? ? ? 2.027 ? ? 
disulf2 disulf ?    ? A CYS 3  SG ? ? ? 1_555 A CYS 16 SG ? ? A CYS 3  A CYS 16 1_555 ? ? ? ? ? ? ? 2.029 ? ? 
covale1 covale both ? A CYS 16 C  ? ? ? 1_555 A NH2 17 N  ? ? A CYS 16 A NH2 17 1_555 ? ? ? ? ? ? ? 1.319 ? ? 
# 
loop_
_struct_conn_type.id 
_struct_conn_type.criteria 
_struct_conn_type.reference 
disulf ? ? 
covale ? ? 
# 
loop_
_pdbx_modification_feature.ordinal 
_pdbx_modification_feature.label_comp_id 
_pdbx_modification_feature.label_asym_id 
_pdbx_modification_feature.label_seq_id 
_pdbx_modification_feature.label_alt_id 
_pdbx_modification_feature.modified_residue_label_comp_id 
_pdbx_modification_feature.modified_residue_label_asym_id 
_pdbx_modification_feature.modified_residue_label_seq_id 
_pdbx_modification_feature.modified_residue_label_alt_id 
_pdbx_modification_feature.auth_comp_id 
_pdbx_modification_feature.auth_asym_id 
_pdbx_modification_feature.auth_seq_id 
_pdbx_modification_feature.PDB_ins_code 
_pdbx_modification_feature.symmetry 
_pdbx_modification_feature.modified_residue_auth_comp_id 
_pdbx_modification_feature.modified_residue_auth_asym_id 
_pdbx_modification_feature.modified_residue_auth_seq_id 
_pdbx_modification_feature.modified_residue_PDB_ins_code 
_pdbx_modification_feature.modified_residue_symmetry 
_pdbx_modification_feature.comp_id_linking_atom 
_pdbx_modification_feature.modified_residue_id_linking_atom 
_pdbx_modification_feature.modified_residue_id 
_pdbx_modification_feature.ref_pcm_id 
_pdbx_modification_feature.ref_comp_id 
_pdbx_modification_feature.type 
_pdbx_modification_feature.category 
1 NH2 A 17 ? CYS A 16 ? NH2 A 17 ? 1_555 CYS A 16 ? 1_555 .  .  CYS 11 NH2 None 'Terminal amidation' 
2 CYS A 2  ? CYS A 8  ? CYS A 2  ? 1_555 CYS A 8  ? 1_555 SG SG .   .  .   None 'Disulfide bridge'   
3 CYS A 3  ? CYS A 16 ? CYS A 3  ? 1_555 CYS A 16 ? 1_555 SG SG .   .  .   None 'Disulfide bridge'   
# 
_struct_site.id                   AC1 
_struct_site.pdbx_evidence_code   Software 
_struct_site.pdbx_auth_asym_id    A 
_struct_site.pdbx_auth_comp_id    NH2 
_struct_site.pdbx_auth_seq_id     17 
_struct_site.pdbx_auth_ins_code   ? 
_struct_site.pdbx_num_residues    2 
_struct_site.details              'BINDING SITE FOR RESIDUE NH2 A 17' 
# 
loop_
_struct_site_gen.id 
_struct_site_gen.site_id 
_struct_site_gen.pdbx_num_res 
_struct_site_gen.label_comp_id 
_struct_site_gen.label_asym_id 
_struct_site_gen.label_seq_id 
_struct_site_gen.pdbx_auth_ins_code 
_struct_site_gen.auth_comp_id 
_struct_site_gen.auth_asym_id 
_struct_site_gen.auth_seq_id 
_struct_site_gen.label_atom_id 
_struct_site_gen.label_alt_id 
_struct_site_gen.symmetry 
_struct_site_gen.details 
1 AC1 2 PRO A 13 ? PRO A 13 . ? 1_555 ? 
2 AC1 2 CYS A 16 ? CYS A 16 . ? 1_555 ? 
# 
_pdbx_entry_details.entry_id                   1PEN 
_pdbx_entry_details.compound_details           ? 
_pdbx_entry_details.source_details             ? 
_pdbx_entry_details.nonpolymer_details         ? 
_pdbx_entry_details.sequence_details           ? 
_pdbx_entry_details.has_ligand_of_interest     ? 
_pdbx_entry_details.has_protein_modification   Y 
# 
loop_
_chem_comp_atom.comp_id 
_chem_comp_atom.atom_id 
_chem_comp_atom.type_symbol 
_chem_comp_atom.pdbx_aromatic_flag 
_chem_comp_atom.pdbx_stereo_config 
_chem_comp_atom.pdbx_ordinal 
ALA N    N N N 1   
ALA CA   C N S 2   
ALA C    C N N 3   
ALA O    O N N 4   
ALA CB   C N N 5   
ALA OXT  O N N 6   
ALA H    H N N 7   
ALA H2   H N N 8   
ALA HA   H N N 9   
ALA HB1  H N N 10  
ALA HB2  H N N 11  
ALA HB3  H N N 12  
ALA HXT  H N N 13  
ASN N    N N N 14  
ASN CA   C N S 15  
ASN C    C N N 16  
ASN O    O N N 17  
ASN CB   C N N 18  
ASN CG   C N N 19  
ASN OD1  O N N 20  
ASN ND2  N N N 21  
ASN OXT  O N N 22  
ASN H    H N N 23  
ASN H2   H N N 24  
ASN HA   H N N 25  
ASN HB2  H N N 26  
ASN HB3  H N N 27  
ASN HD21 H N N 28  
ASN HD22 H N N 29  
ASN HXT  H N N 30  
ASP N    N N N 31  
ASP CA   C N S 32  
ASP C    C N N 33  
ASP O    O N N 34  
ASP CB   C N N 35  
ASP CG   C N N 36  
ASP OD1  O N N 37  
ASP OD2  O N N 38  
ASP OXT  O N N 39  
ASP H    H N N 40  
ASP H2   H N N 41  
ASP HA   H N N 42  
ASP HB2  H N N 43  
ASP HB3  H N N 44  
ASP HD2  H N N 45  
ASP HXT  H N N 46  
CYS N    N N N 47  
CYS CA   C N R 48  
CYS C    C N N 49  
CYS O    O N N 50  
CYS CB   C N N 51  
CYS SG   S N N 52  
CYS OXT  O N N 53  
CYS H    H N N 54  
CYS H2   H N N 55  
CYS HA   H N N 56  
CYS HB2  H N N 57  
CYS HB3  H N N 58  
CYS HG   H N N 59  
CYS HXT  H N N 60  
GLY N    N N N 61  
GLY CA   C N N 62  
GLY C    C N N 63  
GLY O    O N N 64  
GLY OXT  O N N 65  
GLY H    H N N 66  
GLY H2   H N N 67  
GLY HA2  H N N 68  
GLY HA3  H N N 69  
GLY HXT  H N N 70  
HOH O    O N N 71  
HOH H1   H N N 72  
HOH H2   H N N 73  
LEU N    N N N 74  
LEU CA   C N S 75  
LEU C    C N N 76  
LEU O    O N N 77  
LEU CB   C N N 78  
LEU CG   C N N 79  
LEU CD1  C N N 80  
LEU CD2  C N N 81  
LEU OXT  O N N 82  
LEU H    H N N 83  
LEU H2   H N N 84  
LEU HA   H N N 85  
LEU HB2  H N N 86  
LEU HB3  H N N 87  
LEU HG   H N N 88  
LEU HD11 H N N 89  
LEU HD12 H N N 90  
LEU HD13 H N N 91  
LEU HD21 H N N 92  
LEU HD22 H N N 93  
LEU HD23 H N N 94  
LEU HXT  H N N 95  
NH2 N    N N N 96  
NH2 HN1  H N N 97  
NH2 HN2  H N N 98  
PRO N    N N N 99  
PRO CA   C N S 100 
PRO C    C N N 101 
PRO O    O N N 102 
PRO CB   C N N 103 
PRO CG   C N N 104 
PRO CD   C N N 105 
PRO OXT  O N N 106 
PRO H    H N N 107 
PRO HA   H N N 108 
PRO HB2  H N N 109 
PRO HB3  H N N 110 
PRO HG2  H N N 111 
PRO HG3  H N N 112 
PRO HD2  H N N 113 
PRO HD3  H N N 114 
PRO HXT  H N N 115 
SER N    N N N 116 
SER CA   C N S 117 
SER C    C N N 118 
SER O    O N N 119 
SER CB   C N N 120 
SER OG   O N N 121 
SER OXT  O N N 122 
SER H    H N N 123 
SER H2   H N N 124 
SER HA   H N N 125 
SER HB2  H N N 126 
SER HB3  H N N 127 
SER HG   H N N 128 
SER HXT  H N N 129 
TYR N    N N N 130 
TYR CA   C N S 131 
TYR C    C N N 132 
TYR O    O N N 133 
TYR CB   C N N 134 
TYR CG   C Y N 135 
TYR CD1  C Y N 136 
TYR CD2  C Y N 137 
TYR CE1  C Y N 138 
TYR CE2  C Y N 139 
TYR CZ   C Y N 140 
TYR OH   O N N 141 
TYR OXT  O N N 142 
TYR H    H N N 143 
TYR H2   H N N 144 
TYR HA   H N N 145 
TYR HB2  H N N 146 
TYR HB3  H N N 147 
TYR HD1  H N N 148 
TYR HD2  H N N 149 
TYR HE1  H N N 150 
TYR HE2  H N N 151 
TYR HH   H N N 152 
TYR HXT  H N N 153 
# 
loop_
_chem_comp_bond.comp_id 
_chem_comp_bond.atom_id_1 
_chem_comp_bond.atom_id_2 
_chem_comp_bond.value_order 
_chem_comp_bond.pdbx_aromatic_flag 
_chem_comp_bond.pdbx_stereo_config 
_chem_comp_bond.pdbx_ordinal 
ALA N   CA   sing N N 1   
ALA N   H    sing N N 2   
ALA N   H2   sing N N 3   
ALA CA  C    sing N N 4   
ALA CA  CB   sing N N 5   
ALA CA  HA   sing N N 6   
ALA C   O    doub N N 7   
ALA C   OXT  sing N N 8   
ALA CB  HB1  sing N N 9   
ALA CB  HB2  sing N N 10  
ALA CB  HB3  sing N N 11  
ALA OXT HXT  sing N N 12  
ASN N   CA   sing N N 13  
ASN N   H    sing N N 14  
ASN N   H2   sing N N 15  
ASN CA  C    sing N N 16  
ASN CA  CB   sing N N 17  
ASN CA  HA   sing N N 18  
ASN C   O    doub N N 19  
ASN C   OXT  sing N N 20  
ASN CB  CG   sing N N 21  
ASN CB  HB2  sing N N 22  
ASN CB  HB3  sing N N 23  
ASN CG  OD1  doub N N 24  
ASN CG  ND2  sing N N 25  
ASN ND2 HD21 sing N N 26  
ASN ND2 HD22 sing N N 27  
ASN OXT HXT  sing N N 28  
ASP N   CA   sing N N 29  
ASP N   H    sing N N 30  
ASP N   H2   sing N N 31  
ASP CA  C    sing N N 32  
ASP CA  CB   sing N N 33  
ASP CA  HA   sing N N 34  
ASP C   O    doub N N 35  
ASP C   OXT  sing N N 36  
ASP CB  CG   sing N N 37  
ASP CB  HB2  sing N N 38  
ASP CB  HB3  sing N N 39  
ASP CG  OD1  doub N N 40  
ASP CG  OD2  sing N N 41  
ASP OD2 HD2  sing N N 42  
ASP OXT HXT  sing N N 43  
CYS N   CA   sing N N 44  
CYS N   H    sing N N 45  
CYS N   H2   sing N N 46  
CYS CA  C    sing N N 47  
CYS CA  CB   sing N N 48  
CYS CA  HA   sing N N 49  
CYS C   O    doub N N 50  
CYS C   OXT  sing N N 51  
CYS CB  SG   sing N N 52  
CYS CB  HB2  sing N N 53  
CYS CB  HB3  sing N N 54  
CYS SG  HG   sing N N 55  
CYS OXT HXT  sing N N 56  
GLY N   CA   sing N N 57  
GLY N   H    sing N N 58  
GLY N   H2   sing N N 59  
GLY CA  C    sing N N 60  
GLY CA  HA2  sing N N 61  
GLY CA  HA3  sing N N 62  
GLY C   O    doub N N 63  
GLY C   OXT  sing N N 64  
GLY OXT HXT  sing N N 65  
HOH O   H1   sing N N 66  
HOH O   H2   sing N N 67  
LEU N   CA   sing N N 68  
LEU N   H    sing N N 69  
LEU N   H2   sing N N 70  
LEU CA  C    sing N N 71  
LEU CA  CB   sing N N 72  
LEU CA  HA   sing N N 73  
LEU C   O    doub N N 74  
LEU C   OXT  sing N N 75  
LEU CB  CG   sing N N 76  
LEU CB  HB2  sing N N 77  
LEU CB  HB3  sing N N 78  
LEU CG  CD1  sing N N 79  
LEU CG  CD2  sing N N 80  
LEU CG  HG   sing N N 81  
LEU CD1 HD11 sing N N 82  
LEU CD1 HD12 sing N N 83  
LEU CD1 HD13 sing N N 84  
LEU CD2 HD21 sing N N 85  
LEU CD2 HD22 sing N N 86  
LEU CD2 HD23 sing N N 87  
LEU OXT HXT  sing N N 88  
NH2 N   HN1  sing N N 89  
NH2 N   HN2  sing N N 90  
PRO N   CA   sing N N 91  
PRO N   CD   sing N N 92  
PRO N   H    sing N N 93  
PRO CA  C    sing N N 94  
PRO CA  CB   sing N N 95  
PRO CA  HA   sing N N 96  
PRO C   O    doub N N 97  
PRO C   OXT  sing N N 98  
PRO CB  CG   sing N N 99  
PRO CB  HB2  sing N N 100 
PRO CB  HB3  sing N N 101 
PRO CG  CD   sing N N 102 
PRO CG  HG2  sing N N 103 
PRO CG  HG3  sing N N 104 
PRO CD  HD2  sing N N 105 
PRO CD  HD3  sing N N 106 
PRO OXT HXT  sing N N 107 
SER N   CA   sing N N 108 
SER N   H    sing N N 109 
SER N   H2   sing N N 110 
SER CA  C    sing N N 111 
SER CA  CB   sing N N 112 
SER CA  HA   sing N N 113 
SER C   O    doub N N 114 
SER C   OXT  sing N N 115 
SER CB  OG   sing N N 116 
SER CB  HB2  sing N N 117 
SER CB  HB3  sing N N 118 
SER OG  HG   sing N N 119 
SER OXT HXT  sing N N 120 
TYR N   CA   sing N N 121 
TYR N   H    sing N N 122 
TYR N   H2   sing N N 123 
TYR CA  C    sing N N 124 
TYR CA  CB   sing N N 125 
TYR CA  HA   sing N N 126 
TYR C   O    doub N N 127 
TYR C   OXT  sing N N 128 
TYR CB  CG   sing N N 129 
TYR CB  HB2  sing N N 130 
TYR CB  HB3  sing N N 131 
TYR CG  CD1  doub Y N 132 
TYR CG  CD2  sing Y N 133 
TYR CD1 CE1  sing Y N 134 
TYR CD1 HD1  sing N N 135 
TYR CD2 CE2  doub Y N 136 
TYR CD2 HD2  sing N N 137 
TYR CE1 CZ   doub Y N 138 
TYR CE1 HE1  sing N N 139 
TYR CE2 CZ   sing Y N 140 
TYR CE2 HE2  sing N N 141 
TYR CZ  OH   sing N N 142 
TYR OH  HH   sing N N 143 
TYR OXT HXT  sing N N 144 
# 
_atom_sites.entry_id                    1PEN 
_atom_sites.fract_transf_matrix[1][1]   -0.03991904 
_atom_sites.fract_transf_matrix[1][2]   0.06064515 
_atom_sites.fract_transf_matrix[1][3]   0.00232168 
_atom_sites.fract_transf_matrix[2][1]   0.02045635 
_atom_sites.fract_transf_matrix[2][2]   0.01175564 
_atom_sites.fract_transf_matrix[2][3]   0.04465532 
_atom_sites.fract_transf_matrix[3][1]   0.02987384 
_atom_sites.fract_transf_matrix[3][2]   0.05212731 
_atom_sites.fract_transf_matrix[3][3]   -0.02740771 
_atom_sites.fract_transf_vector[1]      -0.261394 
_atom_sites.fract_transf_vector[2]      -0.687136 
_atom_sites.fract_transf_vector[3]      -0.259154 
# 
loop_
_atom_type.symbol 
C 
N 
O 
S 
# 
loop_
_atom_site.group_PDB 
_atom_site.id 
_atom_site.type_symbol 
_atom_site.label_atom_id 
_atom_site.label_alt_id 
_atom_site.label_comp_id 
_atom_site.label_asym_id 
_atom_site.label_entity_id 
_atom_site.label_seq_id 
_atom_site.pdbx_PDB_ins_code 
_atom_site.Cartn_x 
_atom_site.Cartn_y 
_atom_site.Cartn_z 
_atom_site.occupancy 
_atom_site.B_iso_or_equiv 
_atom_site.pdbx_formal_charge 
_atom_site.auth_seq_id 
_atom_site.auth_comp_id 
_atom_site.auth_asym_id 
_atom_site.auth_atom_id 
_atom_site.pdbx_PDB_model_num 
ATOM   1   N N   . GLY A 1 1  ? 7.267  5.453  0.517   1.00 11.53 ? 1  GLY A N   1 
ATOM   2   C CA  . GLY A 1 1  ? 6.200  5.349  -0.503  1.00 9.54  ? 1  GLY A CA  1 
ATOM   3   C C   . GLY A 1 1  ? 5.130  4.384  -0.031  1.00 8.53  ? 1  GLY A C   1 
ATOM   4   O O   . GLY A 1 1  ? 5.370  3.570  0.863   1.00 7.01  ? 1  GLY A O   1 
ATOM   5   N N   . CYS A 1 2  ? 3.992  4.404  -0.713  1.00 7.14  ? 2  CYS A N   1 
ATOM   6   C CA  . CYS A 1 2  ? 2.845  3.575  -0.367  1.00 7.39  ? 2  CYS A CA  1 
ATOM   7   C C   . CYS A 1 2  ? 3.078  2.106  -0.061  1.00 7.12  ? 2  CYS A C   1 
ATOM   8   O O   . CYS A 1 2  ? 2.685  1.609  0.996   1.00 6.44  ? 2  CYS A O   1 
ATOM   9   C CB  . CYS A 1 2  ? 1.796  3.645  -1.474  1.00 7.78  ? 2  CYS A CB  1 
ATOM   10  S SG  . CYS A 1 2  ? 0.233  2.835  -1.019  1.00 7.15  ? 2  CYS A SG  1 
ATOM   11  N N   . CYS A 1 3  ? 3.738  1.416  -0.979  1.00 6.77  ? 3  CYS A N   1 
ATOM   12  C CA  . CYS A 1 3  ? 3.917  -0.015 -0.832  1.00 5.78  ? 3  CYS A CA  1 
ATOM   13  C C   . CYS A 1 3  ? 4.798  -0.518 0.300   1.00 6.25  ? 3  CYS A C   1 
ATOM   14  O O   . CYS A 1 3  ? 4.755  -1.703 0.637   1.00 8.04  ? 3  CYS A O   1 
ATOM   15  C CB  . CYS A 1 3  ? 4.264  -0.634 -2.185  1.00 6.91  ? 3  CYS A CB  1 
ATOM   16  S SG  . CYS A 1 3  ? 3.121  -0.068 -3.499  1.00 7.26  ? 3  CYS A SG  1 
ATOM   17  N N   . SER A 1 4  ? 5.577  0.369  0.906   1.00 5.30  ? 4  SER A N   1 
ATOM   18  C CA  . SER A 1 4  ? 6.414  -0.021 2.036   1.00 5.98  ? 4  SER A CA  1 
ATOM   19  C C   . SER A 1 4  ? 5.763  0.422  3.349   1.00 6.96  ? 4  SER A C   1 
ATOM   20  O O   . SER A 1 4  ? 6.251  0.094  4.430   1.00 7.43  ? 4  SER A O   1 
ATOM   21  C CB  . SER A 1 4  ? 7.815  0.584  1.919   1.00 6.48  ? 4  SER A CB  1 
ATOM   22  O OG  . SER A 1 4  ? 7.762  1.994  1.817   1.00 9.47  ? 4  SER A OG  1 
ATOM   23  N N   . LEU A 1 5  ? 4.647  1.141  3.245   1.00 6.21  ? 5  LEU A N   1 
ATOM   24  C CA  . LEU A 1 5  ? 3.930  1.650  4.409   1.00 5.71  ? 5  LEU A CA  1 
ATOM   25  C C   . LEU A 1 5  ? 2.679  0.787  4.621   1.00 6.68  ? 5  LEU A C   1 
ATOM   26  O O   . LEU A 1 5  ? 1.738  0.849  3.828   1.00 5.56  ? 5  LEU A O   1 
ATOM   27  C CB  . LEU A 1 5  ? 3.548  3.113  4.157   1.00 6.43  ? 5  LEU A CB  1 
ATOM   28  C CG  . LEU A 1 5  ? 3.014  3.923  5.335   1.00 7.96  ? 5  LEU A CG  1 
ATOM   29  C CD1 . LEU A 1 5  ? 4.106  4.114  6.383   1.00 9.87  ? 5  LEU A CD1 1 
ATOM   30  C CD2 . LEU A 1 5  ? 2.519  5.261  4.824   1.00 8.32  ? 5  LEU A CD2 1 
ATOM   31  N N   . PRO A 1 6  ? 2.633  0.005  5.717   1.00 6.42  ? 6  PRO A N   1 
ATOM   32  C CA  . PRO A 1 6  ? 1.484  -0.868 5.999   1.00 6.46  ? 6  PRO A CA  1 
ATOM   33  C C   . PRO A 1 6  ? 0.061  -0.354 5.712   1.00 6.49  ? 6  PRO A C   1 
ATOM   34  O O   . PRO A 1 6  ? -0.664 -0.971 4.928   1.00 5.90  ? 6  PRO A O   1 
ATOM   35  C CB  . PRO A 1 6  ? 1.699  -1.260 7.464   1.00 7.88  ? 6  PRO A CB  1 
ATOM   36  C CG  . PRO A 1 6  ? 3.188  -1.329 7.562   1.00 7.23  ? 6  PRO A CG  1 
ATOM   37  C CD  . PRO A 1 6  ? 3.649  -0.102 6.784   1.00 7.00  ? 6  PRO A CD  1 
ATOM   38  N N   . PRO A 1 7  ? -0.341 0.796  6.291   1.00 6.55  ? 7  PRO A N   1 
ATOM   39  C CA  . PRO A 1 7  ? -1.698 1.302  6.031   1.00 7.60  ? 7  PRO A CA  1 
ATOM   40  C C   . PRO A 1 7  ? -1.965 1.579  4.553   1.00 7.52  ? 7  PRO A C   1 
ATOM   41  O O   . PRO A 1 7  ? -3.075 1.362  4.061   1.00 8.71  ? 7  PRO A O   1 
ATOM   42  C CB  . PRO A 1 7  ? -1.743 2.615  6.819   1.00 9.70  ? 7  PRO A CB  1 
ATOM   43  C CG  . PRO A 1 7  ? -0.706 2.454  7.861   1.00 13.31 ? 7  PRO A CG  1 
ATOM   44  C CD  . PRO A 1 7  ? 0.395  1.699  7.189   1.00 7.23  ? 7  PRO A CD  1 
ATOM   45  N N   . CYS A 1 8  ? -0.959 2.089  3.854   1.00 5.20  ? 8  CYS A N   1 
ATOM   46  C CA  . CYS A 1 8  ? -1.134 2.403  2.447   1.00 5.50  ? 8  CYS A CA  1 
ATOM   47  C C   . CYS A 1 8  ? -1.203 1.165  1.562   1.00 5.94  ? 8  CYS A C   1 
ATOM   48  O O   . CYS A 1 8  ? -2.092 1.054  0.711   1.00 5.96  ? 8  CYS A O   1 
ATOM   49  C CB  . CYS A 1 8  ? -0.039 3.341  1.954   1.00 5.09  ? 8  CYS A CB  1 
ATOM   50  S SG  . CYS A 1 8  ? -0.498 4.114  0.374   1.00 5.87  ? 8  CYS A SG  1 
ATOM   51  N N   . ALA A 1 9  ? -0.284 0.226  1.781   1.00 5.58  ? 9  ALA A N   1 
ATOM   52  C CA  . ALA A 1 9  ? -0.246 -1.003 0.998   1.00 4.89  ? 9  ALA A CA  1 
ATOM   53  C C   . ALA A 1 9  ? -1.567 -1.762 1.110   1.00 6.15  ? 9  ALA A C   1 
ATOM   54  O O   . ALA A 1 9  ? -2.126 -2.195 0.099   1.00 7.07  ? 9  ALA A O   1 
ATOM   55  C CB  . ALA A 1 9  ? 0.913  -1.881 1.453   1.00 6.32  ? 9  ALA A CB  1 
ATOM   56  N N   . ALA A 1 10 ? -2.088 -1.876 2.330   1.00 6.41  ? 10 ALA A N   1 
ATOM   57  C CA  . ALA A 1 10 ? -3.344 -2.587 2.567   1.00 9.11  ? 10 ALA A CA  1 
ATOM   58  C C   . ALA A 1 10 ? -4.549 -1.912 1.922   1.00 9.35  ? 10 ALA A C   1 
ATOM   59  O O   . ALA A 1 10 ? -5.517 -2.577 1.550   1.00 10.00 ? 10 ALA A O   1 
ATOM   60  C CB  . ALA A 1 10 ? -3.577 -2.759 4.063   1.00 9.63  ? 10 ALA A CB  1 
ATOM   61  N N   . ASN A 1 11 ? -4.505 -0.590 1.807   1.00 8.40  ? 11 ASN A N   1 
ATOM   62  C CA  . ASN A 1 11 ? -5.612 0.144  1.203   1.00 9.66  ? 11 ASN A CA  1 
ATOM   63  C C   . ASN A 1 11 ? -5.503 0.267  -0.306  1.00 8.14  ? 11 ASN A C   1 
ATOM   64  O O   . ASN A 1 11 ? -6.444 0.706  -0.972  1.00 8.69  ? 11 ASN A O   1 
ATOM   65  C CB  . ASN A 1 11 ? -5.749 1.529  1.832   1.00 15.51 ? 11 ASN A CB  1 
ATOM   66  C CG  . ASN A 1 11 ? -6.314 1.468  3.236   1.00 23.18 ? 11 ASN A CG  1 
ATOM   67  O OD1 . ASN A 1 11 ? -7.236 0.705  3.511   1.00 30.20 ? 11 ASN A OD1 1 
ATOM   68  N ND2 . ASN A 1 11 ? -5.742 2.248  4.138   1.00 28.53 ? 11 ASN A ND2 1 
ATOM   69  N N   . ASN A 1 12 ? -4.367 -0.153 -0.858  1.00 5.79  ? 12 ASN A N   1 
ATOM   70  C CA  . ASN A 1 12 ? -4.153 -0.067 -2.294  1.00 5.88  ? 12 ASN A CA  1 
ATOM   71  C C   . ASN A 1 12 ? -3.554 -1.348 -2.859  1.00 6.53  ? 12 ASN A C   1 
ATOM   72  O O   . ASN A 1 12 ? -2.504 -1.320 -3.502  1.00 5.53  ? 12 ASN A O   1 
ATOM   73  C CB  . ASN A 1 12 ? -3.250 1.126  -2.611  1.00 5.87  ? 12 ASN A CB  1 
ATOM   74  C CG  . ASN A 1 12 ? -3.883 2.445  -2.221  1.00 7.58  ? 12 ASN A CG  1 
ATOM   75  O OD1 . ASN A 1 12 ? -4.762 2.948  -2.923  1.00 8.77  ? 12 ASN A OD1 1 
ATOM   76  N ND2 . ASN A 1 12 ? -3.479 2.988  -1.080  1.00 6.99  ? 12 ASN A ND2 1 
ATOM   77  N N   . PRO A 1 13 ? -4.240 -2.490 -2.667  1.00 5.71  ? 13 PRO A N   1 
ATOM   78  C CA  . PRO A 1 13 ? -3.732 -3.765 -3.179  1.00 6.46  ? 13 PRO A CA  1 
ATOM   79  C C   . PRO A 1 13 ? -3.650 -3.785 -4.703  1.00 6.68  ? 13 PRO A C   1 
ATOM   80  O O   . PRO A 1 13 ? -2.854 -4.518 -5.274  1.00 7.33  ? 13 PRO A O   1 
ATOM   81  C CB  . PRO A 1 13 ? -4.746 -4.777 -2.644  1.00 7.80  ? 13 PRO A CB  1 
ATOM   82  C CG  . PRO A 1 13 ? -6.015 -3.990 -2.585  1.00 7.95  ? 13 PRO A CG  1 
ATOM   83  C CD  . PRO A 1 13 ? -5.554 -2.669 -2.020  1.00 6.94  ? 13 PRO A CD  1 
ATOM   84  N N   . ASP A 1 14 ? -4.488 -2.986 -5.355  1.00 7.13  ? 14 ASP A N   1 
ATOM   85  C CA  . ASP A 1 14 ? -4.485 -2.901 -6.812  1.00 6.21  ? 14 ASP A CA  1 
ATOM   86  C C   . ASP A 1 14 ? -3.179 -2.317 -7.350  1.00 6.66  ? 14 ASP A C   1 
ATOM   87  O O   . ASP A 1 14 ? -2.676 -2.745 -8.390  1.00 8.88  ? 14 ASP A O   1 
ATOM   88  C CB  . ASP A 1 14 ? -5.699 -2.102 -7.322  1.00 7.33  ? 14 ASP A CB  1 
ATOM   89  C CG  . ASP A 1 14 ? -5.870 -0.737 -6.642  1.00 8.49  ? 14 ASP A CG  1 
ATOM   90  O OD1 . ASP A 1 14 ? -5.507 -0.559 -5.458  1.00 10.32 ? 14 ASP A OD1 1 
ATOM   91  O OD2 . ASP A 1 14 ? -6.428 0.162  -7.299  1.00 9.36  ? 14 ASP A OD2 1 
ATOM   92  N N   . TYR A 1 15 ? -2.625 -1.343 -6.635  1.00 5.79  ? 15 TYR A N   1 
ATOM   93  C CA  . TYR A 1 15 ? -1.378 -0.720 -7.060  1.00 5.75  ? 15 TYR A CA  1 
ATOM   94  C C   . TYR A 1 15 ? -0.137 -1.460 -6.556  1.00 4.82  ? 15 TYR A C   1 
ATOM   95  O O   . TYR A 1 15 ? 0.806  -1.702 -7.318  1.00 6.39  ? 15 TYR A O   1 
ATOM   96  C CB  . TYR A 1 15 ? -1.323 0.738  -6.598  1.00 6.04  ? 15 TYR A CB  1 
ATOM   97  C CG  . TYR A 1 15 ? -0.021 1.425  -6.947  1.00 5.71  ? 15 TYR A CG  1 
ATOM   98  C CD1 . TYR A 1 15 ? 0.338  1.632  -8.278  1.00 6.20  ? 15 TYR A CD1 1 
ATOM   99  C CD2 . TYR A 1 15 ? 0.856  1.854  -5.953  1.00 6.01  ? 15 TYR A CD2 1 
ATOM   100 C CE1 . TYR A 1 15 ? 1.535  2.252  -8.614  1.00 6.53  ? 15 TYR A CE1 1 
ATOM   101 C CE2 . TYR A 1 15 ? 2.064  2.480  -6.282  1.00 7.33  ? 15 TYR A CE2 1 
ATOM   102 C CZ  . TYR A 1 15 ? 2.392  2.673  -7.616  1.00 6.86  ? 15 TYR A CZ  1 
ATOM   103 O OH  . TYR A 1 15 ? 3.578  3.280  -7.964  1.00 8.76  ? 15 TYR A OH  1 
ATOM   104 N N   . CYS A 1 16 ? -0.142 -1.809 -5.274  1.00 4.90  ? 16 CYS A N   1 
ATOM   105 C CA  . CYS A 1 16 ? 0.991  -2.475 -4.644  1.00 6.31  ? 16 CYS A CA  1 
ATOM   106 C C   . CYS A 1 16 ? 1.095  -3.973 -4.892  1.00 6.50  ? 16 CYS A C   1 
ATOM   107 O O   . CYS A 1 16 ? 2.219  -4.508 -4.772  1.00 8.67  ? 16 CYS A O   1 
ATOM   108 C CB  . CYS A 1 16 ? 0.994  -2.180 -3.144  1.00 5.14  ? 16 CYS A CB  1 
ATOM   109 S SG  . CYS A 1 16 ? 1.265  -0.420 -2.760  1.00 6.52  ? 16 CYS A SG  1 
HETATM 110 N N   . NH2 A 1 17 ? 0.003  -4.628 -5.239  1.00 5.72  ? 17 NH2 A N   1 
HETATM 111 O O   . HOH B 2 .  ? 0.954  -1.006 -10.097 1.00 14.35 ? 18 HOH A O   1 
HETATM 112 O O   . HOH B 2 .  ? -8.866 1.061  -7.935  1.00 11.74 ? 19 HOH A O   1 
HETATM 113 O O   . HOH B 2 .  ? 3.271  -6.211 -2.836  1.00 28.72 ? 20 HOH A O   1 
HETATM 114 O O   . HOH B 2 .  ? 2.729  -4.218 -0.576  1.00 22.90 ? 21 HOH A O   1 
HETATM 115 O O   . HOH B 2 .  ? 5.718  -4.103 -0.242  1.00 21.69 ? 22 HOH A O   1 
HETATM 116 O O   . HOH B 2 .  ? 5.077  -3.342 -4.462  1.00 24.45 ? 23 HOH A O   1 
HETATM 117 O O   . HOH B 2 .  ? 8.319  -1.726 5.082   1.00 11.04 ? 24 HOH A O   1 
HETATM 118 O O   . HOH B 2 .  ? 2.509  -3.615 -8.032  1.00 13.30 ? 25 HOH A O   1 
HETATM 119 O O   . HOH B 2 .  ? -5.262 0.210  6.127   1.00 30.08 ? 26 HOH A O   1 
HETATM 120 O O   . HOH B 2 .  ? 2.534  -4.645 -10.971 1.00 11.10 ? 27 HOH A O   1 
HETATM 121 O O   . HOH B 2 .  ? -0.679 -3.623 -10.346 1.00 20.93 ? 28 HOH A O   1 
HETATM 122 O O   . HOH B 2 .  ? 0.570  0.983  -11.952 1.00 14.55 ? 29 HOH A O   1 
# 
